data_6C94
#
_entry.id   6C94
#
_cell.length_a   109.891
_cell.length_b   109.891
_cell.length_c   126.659
_cell.angle_alpha   90.00
_cell.angle_beta   90.00
_cell.angle_gamma   120.00
#
_symmetry.space_group_name_H-M   'P 32 2 1'
#
loop_
_entity.id
_entity.type
_entity.pdbx_description
1 polymer 'Cytochrome P450 4B1'
2 non-polymer 'PROTOPORPHYRIN IX CONTAINING FE'
3 non-polymer "N-(4-butyl-2-methylphenyl)-N'-hydroxyimidoformamide"
4 water water
#
_entity_poly.entity_id   1
_entity_poly.type   'polypeptide(L)'
_entity_poly.pdbx_seq_one_letter_code
;MAGFLKLLRLLLRRQRLARAMDSFPGPPTHWLFGHALEIQKTGSLDKVVTWTQQFPYAHPLWVGQFIGFLNIYEPDYAKA
VYSRGDPKAPDVYDFFLQWIGKGLLVLDGPKWFQHRKLLTPGFHYDVLKPYVAIFADSTRIMLEKWEKKACEGKSFDIFS
DVGHMALDTLMKCTFGKGDSGLNHRDSSYYVAVSELTLLMQQRIDSFQYHNDFIYWLTPHGRRFLRACRAAHDHTDRVIR
QRKAALQDEKEREKIQNRRHLDFLDILLDVRGESGVQLSDTDLRAEVDTFMFEGHDTTTSGISWFLYCMALYPEHQQRCR
EEVREILGDQDSFQWEDLAKMTYLTMCMKECFRLYPPVPQVYRQLSKPVSFVDGRSLPAGSLISLHIYALHRNSDVWPDP
EVFDPLRFSPENSSGRHPYAFIPFSAGPRNCIGQQFAMNEMKVVTALCLLRFEFSVDPLRLPIKLPQLVLRSKNGIHLYL
KPLGPKAEKSTHHHHHH
;
_entity_poly.pdbx_strand_id   A
#
# COMPACT_ATOMS: atom_id res chain seq x y z
N ALA A 2 -38.63 -10.00 -10.49
CA ALA A 2 -37.87 -9.25 -9.51
C ALA A 2 -36.42 -9.75 -9.44
N GLY A 3 -36.23 -10.90 -8.78
CA GLY A 3 -34.91 -11.49 -8.72
C GLY A 3 -34.41 -11.94 -10.07
N PHE A 4 -35.33 -12.28 -10.98
CA PHE A 4 -34.98 -12.83 -12.28
C PHE A 4 -34.08 -11.85 -13.02
N LEU A 5 -34.41 -10.55 -12.97
CA LEU A 5 -33.58 -9.54 -13.64
C LEU A 5 -32.15 -9.56 -13.13
N LYS A 6 -31.97 -9.60 -11.82
CA LYS A 6 -30.62 -9.61 -11.27
C LYS A 6 -29.76 -10.75 -11.77
N LEU A 7 -30.32 -11.95 -11.85
CA LEU A 7 -29.56 -13.10 -12.34
C LEU A 7 -29.27 -12.98 -13.83
N LEU A 8 -30.16 -12.36 -14.58
CA LEU A 8 -29.92 -12.22 -16.01
C LEU A 8 -28.91 -11.11 -16.26
N ARG A 9 -29.01 -9.99 -15.55
CA ARG A 9 -28.03 -8.93 -15.68
C ARG A 9 -26.63 -9.49 -15.44
N LEU A 10 -26.52 -10.49 -14.57
CA LEU A 10 -25.24 -11.09 -14.24
C LEU A 10 -24.70 -11.90 -15.42
N LEU A 11 -25.53 -12.75 -15.99
CA LEU A 11 -25.05 -13.70 -16.99
C LEU A 11 -24.71 -12.99 -18.28
N LEU A 12 -25.33 -11.84 -18.55
CA LEU A 12 -24.97 -11.07 -19.73
C LEU A 12 -23.62 -10.41 -19.56
N ARG A 13 -23.31 -9.96 -18.34
CA ARG A 13 -22.05 -9.26 -18.13
C ARG A 13 -20.87 -10.17 -18.43
N ARG A 14 -20.98 -11.46 -18.15
CA ARG A 14 -19.81 -12.31 -18.30
C ARG A 14 -19.57 -12.73 -19.73
N GLN A 15 -20.61 -12.75 -20.57
CA GLN A 15 -20.39 -12.95 -21.99
C GLN A 15 -19.81 -11.69 -22.62
N ARG A 16 -20.18 -10.52 -22.08
CA ARG A 16 -19.52 -9.29 -22.49
C ARG A 16 -18.03 -9.30 -22.14
N LEU A 17 -17.71 -9.57 -20.87
CA LEU A 17 -16.32 -9.55 -20.43
C LEU A 17 -15.49 -10.61 -21.14
N ALA A 18 -16.07 -11.78 -21.39
CA ALA A 18 -15.37 -12.92 -21.98
C ALA A 18 -15.08 -12.72 -23.46
N ARG A 19 -15.99 -12.05 -24.18
CA ARG A 19 -15.81 -11.78 -25.59
C ARG A 19 -14.83 -10.64 -25.85
N ALA A 20 -14.80 -9.63 -24.95
CA ALA A 20 -13.85 -8.56 -25.11
C ALA A 20 -12.41 -9.05 -24.93
N MET A 21 -12.23 -10.16 -24.22
CA MET A 21 -10.91 -10.76 -24.03
C MET A 21 -10.65 -11.90 -24.99
N ASP A 22 -11.44 -12.02 -26.08
CA ASP A 22 -11.21 -13.08 -27.06
C ASP A 22 -9.85 -12.93 -27.71
N SER A 23 -9.40 -11.68 -27.94
CA SER A 23 -8.05 -11.45 -28.46
C SER A 23 -6.94 -11.95 -27.54
N PHE A 24 -7.25 -12.32 -26.30
CA PHE A 24 -6.24 -12.58 -25.27
C PHE A 24 -6.30 -14.02 -24.80
N PRO A 25 -5.41 -14.87 -25.31
CA PRO A 25 -5.24 -16.20 -24.71
C PRO A 25 -4.73 -16.12 -23.29
N GLY A 26 -4.95 -17.23 -22.54
CA GLY A 26 -4.58 -17.31 -21.14
C GLY A 26 -4.52 -18.74 -20.62
N PRO A 27 -4.28 -18.90 -19.31
CA PRO A 27 -4.18 -20.24 -18.73
C PRO A 27 -5.52 -20.93 -18.67
N PRO A 28 -5.53 -22.21 -18.31
CA PRO A 28 -6.78 -22.95 -18.26
C PRO A 28 -7.65 -22.57 -17.06
N THR A 29 -8.96 -22.57 -17.29
CA THR A 29 -9.96 -22.33 -16.25
C THR A 29 -10.48 -23.66 -15.71
N HIS A 30 -10.61 -23.75 -14.39
CA HIS A 30 -11.54 -24.71 -13.81
C HIS A 30 -12.97 -24.30 -14.16
N TRP A 31 -13.88 -25.28 -14.20
CA TRP A 31 -15.24 -25.00 -14.70
C TRP A 31 -16.05 -24.17 -13.71
N LEU A 32 -15.76 -24.29 -12.42
CA LEU A 32 -16.43 -23.52 -11.36
C LEU A 32 -15.57 -22.37 -10.84
N PHE A 33 -14.28 -22.62 -10.63
CA PHE A 33 -13.43 -21.70 -9.90
C PHE A 33 -12.66 -20.74 -10.79
N GLY A 34 -12.81 -20.82 -12.11
CA GLY A 34 -11.96 -20.03 -12.97
C GLY A 34 -10.53 -20.34 -12.63
N HIS A 35 -9.75 -19.30 -12.34
CA HIS A 35 -8.35 -19.45 -11.97
C HIS A 35 -8.12 -19.48 -10.45
N ALA A 36 -9.19 -19.51 -9.65
CA ALA A 36 -9.08 -19.26 -8.21
C ALA A 36 -8.24 -20.31 -7.51
N LEU A 37 -8.26 -21.56 -7.98
CA LEU A 37 -7.55 -22.59 -7.23
C LEU A 37 -6.05 -22.43 -7.35
N GLU A 38 -5.57 -21.76 -8.40
CA GLU A 38 -4.16 -21.40 -8.50
C GLU A 38 -3.84 -20.15 -7.67
N ILE A 39 -4.73 -19.17 -7.70
CA ILE A 39 -4.51 -17.91 -6.99
C ILE A 39 -4.45 -18.16 -5.49
N GLN A 40 -5.27 -19.08 -5.00
CA GLN A 40 -5.28 -19.35 -3.58
C GLN A 40 -4.10 -20.16 -3.11
N LYS A 41 -3.30 -20.68 -4.03
CA LYS A 41 -2.17 -21.46 -3.61
C LYS A 41 -1.06 -20.53 -3.14
N THR A 42 -0.36 -20.96 -2.12
CA THR A 42 0.84 -20.26 -1.73
C THR A 42 1.81 -20.20 -2.92
N GLY A 43 2.51 -19.07 -3.06
CA GLY A 43 3.34 -18.81 -4.22
C GLY A 43 2.63 -18.41 -5.50
N SER A 44 1.33 -18.10 -5.46
CA SER A 44 0.60 -17.81 -6.69
C SER A 44 1.07 -16.53 -7.37
N LEU A 45 1.70 -15.60 -6.64
CA LEU A 45 2.28 -14.44 -7.31
C LEU A 45 3.35 -14.88 -8.30
N ASP A 46 4.16 -15.87 -7.93
CA ASP A 46 5.20 -16.39 -8.83
C ASP A 46 4.59 -17.21 -9.98
N LYS A 47 3.54 -17.96 -9.71
CA LYS A 47 2.80 -18.62 -10.78
C LYS A 47 2.28 -17.61 -11.81
N VAL A 48 1.76 -16.47 -11.36
CA VAL A 48 1.33 -15.46 -12.33
C VAL A 48 2.52 -14.97 -13.13
N VAL A 49 3.70 -14.91 -12.52
CA VAL A 49 4.87 -14.47 -13.26
C VAL A 49 5.17 -15.45 -14.41
N THR A 50 5.17 -16.76 -14.14
CA THR A 50 5.42 -17.69 -15.24
C THR A 50 4.32 -17.54 -16.31
N TRP A 51 3.09 -17.26 -15.92
CA TRP A 51 2.06 -17.00 -16.92
C TRP A 51 2.42 -15.83 -17.84
N THR A 52 2.99 -14.75 -17.29
CA THR A 52 3.28 -13.56 -18.12
C THR A 52 4.35 -13.81 -19.16
N GLN A 53 5.20 -14.82 -18.95
CA GLN A 53 6.15 -15.26 -19.96
C GLN A 53 5.48 -16.09 -21.05
N GLN A 54 4.47 -16.86 -20.68
CA GLN A 54 3.75 -17.61 -21.70
C GLN A 54 2.86 -16.70 -22.53
N PHE A 55 2.33 -15.61 -21.96
CA PHE A 55 1.36 -14.71 -22.62
C PHE A 55 1.82 -13.26 -22.55
N PRO A 56 2.40 -12.71 -23.62
CA PRO A 56 2.98 -11.37 -23.50
C PRO A 56 1.90 -10.32 -23.30
N TYR A 57 2.31 -9.21 -22.70
CA TYR A 57 1.45 -8.07 -22.47
C TYR A 57 0.36 -8.38 -21.44
N ALA A 58 -0.54 -9.33 -21.71
CA ALA A 58 -1.71 -9.46 -20.86
C ALA A 58 -2.31 -10.84 -21.01
N HIS A 59 -3.20 -11.18 -20.08
CA HIS A 59 -3.93 -12.43 -20.13
C HIS A 59 -5.15 -12.34 -19.23
N PRO A 60 -6.22 -13.05 -19.55
CA PRO A 60 -7.42 -13.02 -18.72
C PRO A 60 -7.20 -13.72 -17.40
N LEU A 61 -8.08 -13.40 -16.45
CA LEU A 61 -7.97 -13.83 -15.06
C LEU A 61 -9.38 -13.85 -14.51
N TRP A 62 -9.80 -15.02 -14.05
CA TRP A 62 -11.19 -15.28 -13.69
C TRP A 62 -11.22 -15.73 -12.24
N VAL A 63 -12.09 -15.12 -11.44
CA VAL A 63 -12.37 -15.72 -10.13
C VAL A 63 -13.77 -16.30 -10.24
N GLY A 64 -13.83 -17.60 -10.56
CA GLY A 64 -15.04 -18.37 -10.42
C GLY A 64 -16.09 -18.24 -11.50
N GLN A 65 -15.76 -17.75 -12.68
CA GLN A 65 -16.58 -17.85 -13.89
C GLN A 65 -17.59 -16.72 -14.06
N PHE A 66 -17.81 -15.86 -13.07
CA PHE A 66 -18.66 -14.70 -13.33
C PHE A 66 -17.90 -13.41 -13.51
N ILE A 67 -16.71 -13.26 -12.91
CA ILE A 67 -15.90 -12.05 -13.03
C ILE A 67 -14.62 -12.39 -13.77
N GLY A 68 -14.31 -11.59 -14.80
CA GLY A 68 -13.11 -11.77 -15.59
C GLY A 68 -12.36 -10.47 -15.80
N PHE A 69 -11.14 -10.46 -15.31
CA PHE A 69 -10.24 -9.33 -15.46
C PHE A 69 -9.27 -9.59 -16.61
N LEU A 70 -8.69 -8.53 -17.14
CA LEU A 70 -7.53 -8.69 -17.98
C LEU A 70 -6.33 -8.32 -17.11
N ASN A 71 -5.52 -9.31 -16.76
CA ASN A 71 -4.29 -9.05 -16.06
C ASN A 71 -3.30 -8.39 -17.01
N ILE A 72 -2.78 -7.21 -16.65
CA ILE A 72 -1.81 -6.52 -17.48
C ILE A 72 -0.52 -6.34 -16.71
N TYR A 73 0.58 -6.34 -17.44
CA TYR A 73 1.89 -6.36 -16.80
C TYR A 73 3.00 -5.94 -17.74
N GLU A 74 2.72 -5.03 -18.65
CA GLU A 74 3.73 -4.49 -19.56
C GLU A 74 3.62 -2.97 -19.57
N PRO A 75 4.75 -2.25 -19.63
CA PRO A 75 4.70 -0.79 -19.44
C PRO A 75 3.79 -0.03 -20.38
N ASP A 76 3.74 -0.36 -21.70
CA ASP A 76 2.82 0.34 -22.59
C ASP A 76 1.37 0.03 -22.22
N TYR A 77 1.11 -1.22 -21.87
CA TYR A 77 -0.23 -1.59 -21.44
C TYR A 77 -0.58 -0.88 -20.16
N ALA A 78 0.32 -0.94 -19.18
CA ALA A 78 0.13 -0.21 -17.93
C ALA A 78 -0.20 1.25 -18.21
N LYS A 79 0.62 1.92 -19.03
CA LYS A 79 0.43 3.33 -19.33
C LYS A 79 -0.86 3.59 -20.08
N ALA A 80 -1.23 2.72 -21.01
CA ALA A 80 -2.45 2.95 -21.76
C ALA A 80 -3.64 3.15 -20.82
N VAL A 81 -3.63 2.47 -19.66
CA VAL A 81 -4.79 2.43 -18.78
C VAL A 81 -4.59 3.31 -17.56
N TYR A 82 -3.42 3.20 -16.91
CA TYR A 82 -3.25 3.85 -15.61
C TYR A 82 -2.88 5.32 -15.75
N SER A 83 -2.74 5.82 -16.97
CA SER A 83 -2.60 7.24 -17.20
C SER A 83 -3.95 7.95 -17.33
N ARG A 84 -5.06 7.21 -17.31
CA ARG A 84 -6.34 7.75 -17.77
C ARG A 84 -7.32 8.11 -16.66
N GLY A 85 -7.13 7.68 -15.43
CA GLY A 85 -8.19 8.02 -14.47
C GLY A 85 -9.56 7.35 -14.63
N ASP A 86 -9.65 6.17 -15.24
CA ASP A 86 -10.88 5.37 -15.17
C ASP A 86 -11.15 4.98 -13.72
N PRO A 87 -12.42 4.65 -13.39
CA PRO A 87 -12.75 4.31 -11.99
C PRO A 87 -12.04 3.05 -11.50
N LYS A 88 -11.96 2.92 -10.18
CA LYS A 88 -11.54 1.67 -9.60
C LYS A 88 -12.61 0.63 -9.88
N ALA A 89 -12.16 -0.64 -10.00
CA ALA A 89 -13.07 -1.76 -10.28
C ALA A 89 -14.07 -1.94 -9.12
N PRO A 90 -15.37 -1.70 -9.35
CA PRO A 90 -16.32 -1.88 -8.24
C PRO A 90 -16.36 -3.29 -7.73
N ASP A 91 -16.14 -4.27 -8.58
CA ASP A 91 -16.22 -5.62 -8.07
C ASP A 91 -15.18 -5.85 -6.98
N VAL A 92 -13.95 -5.43 -7.21
CA VAL A 92 -12.92 -5.45 -6.16
C VAL A 92 -13.02 -4.44 -5.01
N TYR A 93 -13.30 -3.18 -5.34
CA TYR A 93 -13.20 -2.10 -4.35
C TYR A 93 -14.46 -1.87 -3.52
N ASP A 94 -15.54 -2.52 -3.92
CA ASP A 94 -16.81 -2.42 -3.20
C ASP A 94 -16.67 -3.00 -1.81
N PHE A 95 -15.81 -4.00 -1.67
CA PHE A 95 -15.59 -4.69 -0.41
C PHE A 95 -15.06 -3.74 0.66
N PHE A 96 -14.40 -2.69 0.21
CA PHE A 96 -13.84 -1.66 1.08
C PHE A 96 -14.90 -0.91 1.90
N LEU A 97 -16.12 -0.83 1.38
CA LEU A 97 -17.09 0.17 1.82
C LEU A 97 -17.47 0.10 3.30
N GLN A 98 -17.67 -1.12 3.82
CA GLN A 98 -18.03 -1.29 5.22
C GLN A 98 -16.93 -0.84 6.18
N TRP A 99 -15.70 -0.83 5.69
CA TRP A 99 -14.52 -0.56 6.50
C TRP A 99 -14.04 0.88 6.31
N ILE A 100 -13.62 1.29 5.11
CA ILE A 100 -13.08 2.63 4.89
C ILE A 100 -14.01 3.50 4.08
N GLY A 101 -15.12 2.96 3.61
CA GLY A 101 -16.12 3.83 3.04
C GLY A 101 -15.71 4.47 1.75
N LYS A 102 -16.40 5.56 1.44
CA LYS A 102 -16.16 6.25 0.18
C LYS A 102 -15.20 7.41 0.39
N GLY A 103 -14.00 7.05 0.84
CA GLY A 103 -12.90 7.99 0.89
C GLY A 103 -12.14 8.00 -0.42
N LEU A 104 -10.96 8.63 -0.36
CA LEU A 104 -10.20 8.96 -1.57
C LEU A 104 -9.89 7.74 -2.42
N LEU A 105 -9.64 6.60 -1.78
CA LEU A 105 -9.15 5.44 -2.49
C LEU A 105 -10.20 4.89 -3.43
N VAL A 106 -11.44 4.97 -3.01
CA VAL A 106 -12.56 4.32 -3.64
C VAL A 106 -13.34 5.26 -4.54
N LEU A 107 -13.37 6.54 -4.19
CA LEU A 107 -14.08 7.53 -4.98
C LEU A 107 -13.56 7.53 -6.41
N ASP A 108 -14.33 8.13 -7.31
CA ASP A 108 -13.90 8.19 -8.70
C ASP A 108 -14.46 9.42 -9.40
N GLY A 109 -15.44 10.08 -8.81
CA GLY A 109 -16.14 11.09 -9.55
C GLY A 109 -15.32 12.34 -9.76
N PRO A 110 -16.03 13.44 -9.99
CA PRO A 110 -15.49 14.75 -9.63
C PRO A 110 -15.43 14.99 -8.14
N LYS A 111 -16.17 14.22 -7.34
CA LYS A 111 -16.00 14.25 -5.89
C LYS A 111 -14.59 13.79 -5.50
N TRP A 112 -14.05 12.77 -6.19
CA TRP A 112 -12.67 12.38 -5.99
C TRP A 112 -11.73 13.56 -6.24
N PHE A 113 -11.89 14.27 -7.36
CA PHE A 113 -11.02 15.42 -7.65
C PHE A 113 -11.12 16.48 -6.56
N GLN A 114 -12.33 16.73 -6.06
CA GLN A 114 -12.50 17.67 -4.97
C GLN A 114 -11.62 17.30 -3.78
N HIS A 115 -11.79 16.04 -3.28
CA HIS A 115 -11.03 15.56 -2.13
C HIS A 115 -9.53 15.52 -2.39
N ARG A 116 -9.15 15.12 -3.61
CA ARG A 116 -7.73 15.07 -3.96
C ARG A 116 -7.11 16.45 -3.96
N LYS A 117 -7.89 17.46 -4.38
CA LYS A 117 -7.46 18.86 -4.38
C LYS A 117 -7.39 19.39 -2.97
N LEU A 118 -8.38 19.01 -2.16
CA LEU A 118 -8.42 19.34 -0.74
C LEU A 118 -7.21 18.80 0.00
N LEU A 119 -6.91 17.51 -0.19
CA LEU A 119 -5.96 16.82 0.66
C LEU A 119 -4.53 16.88 0.17
N THR A 120 -4.29 17.19 -1.11
CA THR A 120 -2.92 17.16 -1.59
C THR A 120 -2.00 18.15 -0.88
N PRO A 121 -2.42 19.38 -0.50
CA PRO A 121 -1.49 20.25 0.27
C PRO A 121 -1.09 19.68 1.65
N GLY A 122 -1.79 18.68 2.18
CA GLY A 122 -1.37 18.03 3.42
C GLY A 122 -0.09 17.19 3.33
N PHE A 123 0.46 17.00 2.11
CA PHE A 123 1.65 16.19 1.89
C PHE A 123 2.72 16.99 1.14
N HIS A 124 2.56 18.31 1.17
CA HIS A 124 3.54 19.25 0.67
C HIS A 124 4.77 19.23 1.56
N TYR A 125 5.93 19.52 0.98
CA TYR A 125 7.15 19.30 1.74
C TYR A 125 7.25 20.22 2.97
N ASP A 126 6.51 21.32 3.03
CA ASP A 126 6.60 22.18 4.21
C ASP A 126 5.86 21.54 5.38
N VAL A 127 4.81 20.77 5.08
CA VAL A 127 4.09 20.01 6.09
C VAL A 127 4.89 18.81 6.55
N LEU A 128 5.71 18.24 5.64
CA LEU A 128 6.49 17.04 5.91
C LEU A 128 7.78 17.31 6.70
N LYS A 129 8.53 18.36 6.38
CA LYS A 129 9.76 18.72 7.11
C LYS A 129 9.69 18.48 8.61
N PRO A 130 8.69 18.99 9.35
CA PRO A 130 8.60 18.71 10.79
C PRO A 130 8.42 17.25 11.16
N TYR A 131 7.90 16.41 10.25
CA TYR A 131 7.71 15.00 10.57
C TYR A 131 9.03 14.23 10.75
N VAL A 132 10.14 14.69 10.17
CA VAL A 132 11.40 13.97 10.30
C VAL A 132 11.76 13.77 11.78
N ALA A 133 11.59 14.80 12.62
CA ALA A 133 11.90 14.59 14.04
C ALA A 133 11.03 13.50 14.64
N ILE A 134 9.74 13.50 14.29
CA ILE A 134 8.81 12.53 14.84
C ILE A 134 9.16 11.12 14.38
N PHE A 135 9.51 10.93 13.09
CA PHE A 135 9.96 9.61 12.63
C PHE A 135 11.11 9.13 13.51
N ALA A 136 12.09 10.01 13.74
CA ALA A 136 13.23 9.68 14.57
C ALA A 136 12.80 9.26 15.98
N ASP A 137 11.91 10.02 16.61
CA ASP A 137 11.53 9.65 17.97
C ASP A 137 10.87 8.28 17.99
N SER A 138 9.87 8.07 17.13
CA SER A 138 9.17 6.79 17.13
C SER A 138 10.11 5.63 16.79
N THR A 139 11.05 5.86 15.89
CA THR A 139 11.99 4.79 15.60
C THR A 139 12.85 4.49 16.81
N ARG A 140 13.28 5.53 17.54
CA ARG A 140 14.12 5.32 18.73
C ARG A 140 13.43 4.40 19.73
N ILE A 141 12.14 4.64 19.98
CA ILE A 141 11.38 3.77 20.87
C ILE A 141 11.39 2.31 20.37
N MET A 142 11.19 2.13 19.06
CA MET A 142 11.19 0.78 18.51
C MET A 142 12.56 0.15 18.64
N LEU A 143 13.62 0.93 18.48
CA LEU A 143 14.96 0.37 18.52
C LEU A 143 15.40 0.00 19.94
N GLU A 144 14.94 0.75 20.94
CA GLU A 144 15.21 0.39 22.33
C GLU A 144 14.56 -0.94 22.69
N LYS A 145 13.32 -1.18 22.24
CA LYS A 145 12.76 -2.52 22.37
C LYS A 145 13.64 -3.54 21.67
N TRP A 146 14.00 -3.27 20.41
CA TRP A 146 14.76 -4.25 19.66
C TRP A 146 16.12 -4.57 20.27
N GLU A 147 16.74 -3.61 20.93
CA GLU A 147 18.04 -3.84 21.55
C GLU A 147 17.94 -4.93 22.61
N LYS A 148 16.87 -4.90 23.39
CA LYS A 148 16.61 -5.90 24.42
C LYS A 148 16.38 -7.28 23.79
N LYS A 149 15.56 -7.37 22.74
CA LYS A 149 15.32 -8.67 22.11
C LYS A 149 16.61 -9.25 21.52
N ALA A 150 17.45 -8.40 20.92
CA ALA A 150 18.62 -8.87 20.21
C ALA A 150 19.58 -9.57 21.15
N CYS A 151 19.74 -9.04 22.36
CA CYS A 151 20.71 -9.56 23.30
C CYS A 151 20.24 -10.83 23.99
N GLU A 152 19.04 -11.28 23.65
CA GLU A 152 18.53 -12.62 23.95
C GLU A 152 19.00 -13.64 22.92
N GLY A 153 19.61 -13.20 21.81
CA GLY A 153 20.24 -14.07 20.84
C GLY A 153 19.30 -14.86 19.92
N LYS A 154 17.99 -14.80 20.11
CA LYS A 154 17.09 -15.46 19.19
C LYS A 154 16.57 -14.49 18.14
N SER A 155 16.34 -15.01 16.95
CA SER A 155 15.65 -14.27 15.92
C SER A 155 14.21 -14.04 16.33
N PHE A 156 13.59 -13.01 15.73
CA PHE A 156 12.20 -12.66 15.99
C PHE A 156 11.56 -11.92 14.81
N ASP A 157 10.23 -11.95 14.75
CA ASP A 157 9.43 -11.28 13.73
C ASP A 157 9.41 -9.77 13.96
N ILE A 158 9.85 -8.99 12.97
CA ILE A 158 9.91 -7.52 13.10
C ILE A 158 8.66 -6.84 12.57
N PHE A 159 7.84 -7.53 11.78
CA PHE A 159 6.71 -6.93 11.09
C PHE A 159 5.78 -6.21 12.07
N SER A 160 5.34 -6.90 13.11
CA SER A 160 4.42 -6.28 14.04
C SER A 160 5.06 -5.08 14.77
N ASP A 161 6.33 -5.18 15.15
CA ASP A 161 6.92 -4.04 15.84
C ASP A 161 7.02 -2.84 14.91
N VAL A 162 7.31 -3.08 13.63
CA VAL A 162 7.41 -2.00 12.66
C VAL A 162 6.03 -1.37 12.47
N GLY A 163 4.98 -2.19 12.47
CA GLY A 163 3.63 -1.69 12.32
C GLY A 163 3.18 -0.79 13.47
N HIS A 164 3.45 -1.21 14.70
CA HIS A 164 3.11 -0.35 15.85
C HIS A 164 3.83 0.98 15.74
N MET A 165 5.08 0.95 15.28
CA MET A 165 5.83 2.18 15.11
C MET A 165 5.25 3.01 13.96
N ALA A 166 4.92 2.39 12.83
CA ALA A 166 4.35 3.15 11.73
C ALA A 166 3.01 3.76 12.10
N LEU A 167 2.20 3.04 12.87
CA LEU A 167 0.88 3.55 13.26
C LEU A 167 1.02 4.73 14.21
N ASP A 168 1.91 4.62 15.18
CA ASP A 168 2.14 5.72 16.10
C ASP A 168 2.64 7.00 15.45
N THR A 169 3.60 6.86 14.55
CA THR A 169 4.17 8.00 13.85
C THR A 169 3.19 8.66 12.86
N LEU A 170 2.33 7.83 12.28
CA LEU A 170 1.30 8.30 11.37
C LEU A 170 0.34 9.19 12.16
N MET A 171 0.01 8.76 13.38
CA MET A 171 -0.97 9.47 14.19
C MET A 171 -0.39 10.72 14.84
N LYS A 172 0.88 10.68 15.25
CA LYS A 172 1.52 11.90 15.75
C LYS A 172 1.68 12.94 14.62
N CYS A 173 1.84 12.50 13.36
CA CYS A 173 2.12 13.43 12.28
C CYS A 173 0.84 14.03 11.72
N THR A 174 -0.09 13.18 11.35
CA THR A 174 -1.21 13.59 10.53
C THR A 174 -2.55 13.56 11.26
N PHE A 175 -2.65 13.04 12.49
CA PHE A 175 -3.92 12.97 13.19
C PHE A 175 -3.88 13.65 14.55
N GLY A 176 -2.88 14.50 14.81
CA GLY A 176 -2.89 15.33 15.99
C GLY A 176 -2.53 14.66 17.31
N LYS A 177 -2.35 13.34 17.33
CA LYS A 177 -1.93 12.70 18.57
C LYS A 177 -0.69 13.38 19.14
N GLY A 178 -0.71 13.58 20.46
CA GLY A 178 0.40 14.22 21.16
C GLY A 178 1.44 13.21 21.58
N ASP A 179 2.45 13.69 22.29
CA ASP A 179 3.64 12.90 22.52
C ASP A 179 3.38 11.60 23.32
N SER A 180 2.13 11.35 23.74
CA SER A 180 1.89 10.25 24.68
C SER A 180 2.37 8.91 24.12
N GLY A 181 2.28 8.70 22.80
CA GLY A 181 2.65 7.40 22.24
C GLY A 181 1.50 6.38 22.31
N LEU A 182 1.87 5.11 22.13
CA LEU A 182 0.89 4.04 21.96
C LEU A 182 0.14 3.68 23.23
N ASN A 183 -1.14 3.36 23.06
CA ASN A 183 -2.01 2.95 24.16
C ASN A 183 -2.64 1.63 23.76
N HIS A 184 -3.09 0.86 24.75
CA HIS A 184 -3.59 -0.48 24.45
C HIS A 184 -4.75 -0.42 23.46
N ARG A 185 -5.46 0.71 23.36
CA ARG A 185 -6.56 0.80 22.40
C ARG A 185 -6.05 0.94 20.96
N ASP A 186 -4.88 1.57 20.77
CA ASP A 186 -4.27 1.63 19.45
C ASP A 186 -3.84 0.24 18.98
N SER A 187 -3.37 -0.62 19.90
CA SER A 187 -3.05 -1.99 19.50
C SER A 187 -4.29 -2.75 19.10
N SER A 188 -5.42 -2.49 19.75
CA SER A 188 -6.67 -3.10 19.31
C SER A 188 -6.93 -2.76 17.85
N TYR A 189 -6.64 -1.51 17.45
CA TYR A 189 -6.91 -1.12 16.07
C TYR A 189 -6.00 -1.87 15.12
N TYR A 190 -4.71 -1.93 15.46
CA TYR A 190 -3.73 -2.61 14.63
C TYR A 190 -4.19 -4.03 14.36
N VAL A 191 -4.59 -4.76 15.42
CA VAL A 191 -4.98 -6.15 15.26
C VAL A 191 -6.18 -6.26 14.32
N ALA A 192 -7.05 -5.27 14.37
CA ALA A 192 -8.23 -5.32 13.54
C ALA A 192 -7.89 -5.08 12.07
N VAL A 193 -6.91 -4.22 11.78
CA VAL A 193 -6.50 -4.06 10.40
C VAL A 193 -6.05 -5.39 9.84
N SER A 194 -5.24 -6.13 10.61
CA SER A 194 -4.84 -7.49 10.23
C SER A 194 -6.03 -8.32 9.78
N GLU A 195 -7.09 -8.31 10.58
CA GLU A 195 -8.26 -9.12 10.27
C GLU A 195 -8.97 -8.58 9.05
N LEU A 196 -9.02 -7.27 8.91
CA LEU A 196 -9.68 -6.67 7.74
C LEU A 196 -8.96 -7.02 6.44
N THR A 197 -7.62 -6.92 6.43
CA THR A 197 -6.91 -7.20 5.20
C THR A 197 -6.83 -8.69 4.94
N LEU A 198 -6.60 -9.51 5.97
CA LEU A 198 -6.70 -10.96 5.78
C LEU A 198 -8.03 -11.32 5.11
N LEU A 199 -9.14 -10.86 5.68
CA LEU A 199 -10.43 -11.33 5.22
C LEU A 199 -10.77 -10.77 3.86
N MET A 200 -10.46 -9.50 3.63
CA MET A 200 -10.86 -8.88 2.37
C MET A 200 -10.06 -9.41 1.18
N GLN A 201 -8.75 -9.65 1.37
CA GLN A 201 -7.99 -10.37 0.35
C GLN A 201 -8.65 -11.73 0.10
N GLN A 202 -8.94 -12.48 1.16
CA GLN A 202 -9.60 -13.77 0.95
C GLN A 202 -10.91 -13.60 0.18
N ARG A 203 -11.67 -12.56 0.50
CA ARG A 203 -12.92 -12.33 -0.22
C ARG A 203 -12.67 -12.08 -1.71
N ILE A 204 -11.67 -11.25 -2.04
CA ILE A 204 -11.30 -10.95 -3.44
C ILE A 204 -11.09 -12.24 -4.24
N ASP A 205 -10.43 -13.21 -3.63
CA ASP A 205 -10.05 -14.46 -4.28
C ASP A 205 -11.10 -15.54 -4.19
N SER A 206 -12.23 -15.32 -3.52
CA SER A 206 -13.21 -16.37 -3.23
C SER A 206 -14.56 -15.96 -3.79
N PHE A 207 -14.89 -16.45 -4.98
CA PHE A 207 -16.05 -15.91 -5.69
C PHE A 207 -17.38 -16.18 -4.97
N GLN A 208 -17.46 -17.21 -4.13
CA GLN A 208 -18.71 -17.46 -3.39
C GLN A 208 -19.06 -16.31 -2.44
N TYR A 209 -18.05 -15.64 -1.92
CA TYR A 209 -18.28 -14.50 -1.06
C TYR A 209 -18.50 -13.20 -1.84
N HIS A 210 -18.61 -13.22 -3.17
CA HIS A 210 -18.67 -11.96 -3.92
C HIS A 210 -20.01 -11.23 -3.77
N ASN A 211 -21.11 -11.95 -3.51
CA ASN A 211 -22.41 -11.30 -3.42
C ASN A 211 -22.64 -10.78 -2.00
N ASP A 212 -22.97 -9.49 -1.90
CA ASP A 212 -23.10 -8.84 -0.60
C ASP A 212 -24.07 -9.58 0.32
N PHE A 213 -25.29 -9.86 -0.17
CA PHE A 213 -26.35 -10.37 0.69
C PHE A 213 -25.94 -11.70 1.30
N ILE A 214 -25.36 -12.59 0.51
CA ILE A 214 -24.93 -13.89 1.02
C ILE A 214 -23.78 -13.72 2.00
N TYR A 215 -22.82 -12.85 1.67
CA TYR A 215 -21.59 -12.76 2.45
C TYR A 215 -21.88 -12.38 3.91
N TRP A 216 -22.80 -11.44 4.13
CA TRP A 216 -23.06 -11.01 5.50
C TRP A 216 -23.75 -12.08 6.35
N LEU A 217 -24.10 -13.23 5.79
CA LEU A 217 -24.64 -14.35 6.56
C LEU A 217 -23.59 -15.41 6.85
N THR A 218 -22.38 -15.27 6.33
CA THR A 218 -21.34 -16.26 6.54
C THR A 218 -20.50 -15.93 7.76
N PRO A 219 -19.92 -16.92 8.44
CA PRO A 219 -18.99 -16.59 9.53
C PRO A 219 -17.93 -15.62 9.08
N HIS A 220 -17.43 -15.79 7.86
CA HIS A 220 -16.43 -14.90 7.30
C HIS A 220 -16.92 -13.45 7.37
N GLY A 221 -18.05 -13.18 6.72
CA GLY A 221 -18.60 -11.84 6.71
C GLY A 221 -18.93 -11.28 8.09
N ARG A 222 -19.37 -12.14 9.02
CA ARG A 222 -19.62 -11.64 10.38
C ARG A 222 -18.32 -11.22 11.02
N ARG A 223 -17.27 -12.01 10.85
CA ARG A 223 -15.96 -11.65 11.37
C ARG A 223 -15.49 -10.30 10.83
N PHE A 224 -15.69 -10.07 9.53
CA PHE A 224 -15.34 -8.79 8.91
C PHE A 224 -16.09 -7.64 9.57
N LEU A 225 -17.41 -7.75 9.67
CA LEU A 225 -18.19 -6.66 10.27
C LEU A 225 -17.78 -6.40 11.73
N ARG A 226 -17.38 -7.42 12.48
CA ARG A 226 -16.91 -7.15 13.84
C ARG A 226 -15.65 -6.31 13.81
N ALA A 227 -14.74 -6.62 12.88
CA ALA A 227 -13.51 -5.82 12.74
C ALA A 227 -13.80 -4.42 12.21
N CYS A 228 -14.80 -4.27 11.33
CA CYS A 228 -15.17 -2.93 10.87
C CYS A 228 -15.62 -2.05 12.04
N ARG A 229 -16.42 -2.62 12.95
CA ARG A 229 -16.82 -1.84 14.11
C ARG A 229 -15.58 -1.41 14.89
N ALA A 230 -14.62 -2.32 15.07
CA ALA A 230 -13.47 -2.01 15.89
C ALA A 230 -12.63 -0.94 15.25
N ALA A 231 -12.57 -0.94 13.91
CA ALA A 231 -11.83 0.09 13.21
C ALA A 231 -12.52 1.43 13.35
N HIS A 232 -13.86 1.44 13.24
CA HIS A 232 -14.64 2.67 13.43
C HIS A 232 -14.59 3.22 14.86
N ASP A 233 -14.56 2.35 15.90
CA ASP A 233 -14.42 2.86 17.27
C ASP A 233 -13.13 3.62 17.42
N HIS A 234 -12.08 3.17 16.74
CA HIS A 234 -10.77 3.84 16.78
C HIS A 234 -10.81 5.19 16.10
N THR A 235 -11.43 5.25 14.93
CA THR A 235 -11.38 6.52 14.21
C THR A 235 -12.35 7.54 14.79
N ASP A 236 -13.54 7.13 15.23
CA ASP A 236 -14.41 8.04 15.98
C ASP A 236 -13.66 8.65 17.17
N ARG A 237 -12.95 7.84 17.94
CA ARG A 237 -12.13 8.39 19.04
C ARG A 237 -11.15 9.46 18.54
N VAL A 238 -10.37 9.16 17.49
CA VAL A 238 -9.34 10.08 17.03
C VAL A 238 -9.97 11.39 16.59
N ILE A 239 -11.18 11.34 16.06
CA ILE A 239 -11.86 12.53 15.59
C ILE A 239 -12.36 13.35 16.77
N ARG A 240 -13.03 12.70 17.72
CA ARG A 240 -13.55 13.42 18.88
C ARG A 240 -12.41 14.03 19.67
N GLN A 241 -11.31 13.27 19.81
CA GLN A 241 -10.13 13.74 20.53
C GLN A 241 -9.62 15.06 19.95
N ARG A 242 -9.50 15.14 18.62
CA ARG A 242 -8.95 16.36 18.01
C ARG A 242 -9.94 17.52 18.06
N LYS A 243 -11.23 17.29 17.75
CA LYS A 243 -12.22 18.35 17.88
C LYS A 243 -12.20 18.95 19.27
N ALA A 244 -12.01 18.10 20.27
CA ALA A 244 -12.06 18.57 21.64
C ALA A 244 -10.78 19.32 21.98
N ALA A 245 -9.65 18.82 21.50
CA ALA A 245 -8.37 19.49 21.74
C ALA A 245 -8.34 20.88 21.10
N LEU A 246 -9.10 21.10 20.03
CA LEU A 246 -9.14 22.42 19.41
C LEU A 246 -10.09 23.39 20.11
N GLN A 247 -10.92 22.91 21.06
CA GLN A 247 -11.73 23.82 21.86
C GLN A 247 -10.89 24.58 22.87
N ASP A 248 -9.71 24.07 23.22
CA ASP A 248 -8.78 24.80 24.05
C ASP A 248 -8.23 26.01 23.29
N GLU A 249 -8.31 27.20 23.91
CA GLU A 249 -8.01 28.45 23.21
C GLU A 249 -6.52 28.55 22.85
N LYS A 250 -5.65 27.94 23.65
CA LYS A 250 -4.21 27.99 23.36
C LYS A 250 -3.87 27.22 22.09
N GLU A 251 -4.33 25.95 22.01
CA GLU A 251 -4.05 25.10 20.86
C GLU A 251 -4.71 25.64 19.59
N ARG A 252 -5.96 26.12 19.68
CA ARG A 252 -6.69 26.56 18.48
C ARG A 252 -5.99 27.70 17.77
N GLU A 253 -5.59 28.74 18.53
CA GLU A 253 -4.87 29.86 17.93
C GLU A 253 -3.56 29.40 17.31
N LYS A 254 -2.89 28.41 17.91
CA LYS A 254 -1.59 27.98 17.44
C LYS A 254 -1.67 27.38 16.03
N ILE A 255 -2.74 26.64 15.74
CA ILE A 255 -2.87 25.97 14.43
C ILE A 255 -3.07 27.01 13.34
N GLN A 256 -3.86 28.04 13.61
CA GLN A 256 -4.15 29.05 12.60
C GLN A 256 -2.87 29.76 12.16
N ASN A 257 -2.00 30.02 13.13
CA ASN A 257 -0.77 30.77 12.90
C ASN A 257 0.06 30.12 11.80
N ARG A 258 0.12 28.79 11.82
CA ARG A 258 0.82 28.06 10.78
C ARG A 258 0.20 28.24 9.41
N ARG A 259 1.03 28.49 8.41
CA ARG A 259 0.57 28.52 7.03
C ARG A 259 0.06 27.15 6.59
N HIS A 260 0.74 26.10 7.05
CA HIS A 260 0.50 24.75 6.56
C HIS A 260 -0.20 23.87 7.58
N LEU A 261 -1.27 23.23 7.16
CA LEU A 261 -2.12 22.42 8.01
C LEU A 261 -1.90 20.92 7.78
N ASP A 262 -1.85 20.18 8.87
CA ASP A 262 -1.73 18.73 8.83
C ASP A 262 -3.03 18.11 8.37
N PHE A 263 -3.00 16.84 7.99
CA PHE A 263 -4.08 16.23 7.25
C PHE A 263 -5.43 16.24 7.97
N LEU A 264 -5.46 15.93 9.25
CA LEU A 264 -6.75 15.88 9.93
C LEU A 264 -7.32 17.27 10.16
N ASP A 265 -6.43 18.24 10.40
CA ASP A 265 -6.90 19.61 10.62
C ASP A 265 -7.51 20.20 9.35
N ILE A 266 -7.00 19.81 8.18
CA ILE A 266 -7.65 20.19 6.91
C ILE A 266 -9.06 19.66 6.86
N LEU A 267 -9.23 18.36 7.13
CA LEU A 267 -10.55 17.76 7.05
C LEU A 267 -11.54 18.48 7.98
N LEU A 268 -11.08 18.90 9.16
CA LEU A 268 -11.90 19.61 10.14
C LEU A 268 -12.14 21.06 9.75
N ASP A 269 -11.49 21.54 8.69
CA ASP A 269 -11.87 22.79 8.01
C ASP A 269 -11.80 23.96 8.95
N VAL A 270 -10.96 23.86 9.97
CA VAL A 270 -10.71 25.06 10.74
C VAL A 270 -10.10 26.07 9.78
N ARG A 271 -10.32 27.36 10.05
CA ARG A 271 -9.92 28.48 9.19
C ARG A 271 -10.89 28.68 8.02
N GLY A 272 -11.93 27.85 7.87
CA GLY A 272 -12.92 28.00 6.81
C GLY A 272 -12.40 27.89 5.38
N GLU A 273 -11.07 27.74 5.24
CA GLU A 273 -10.39 27.81 3.94
C GLU A 273 -10.79 26.70 2.97
N SER A 274 -11.28 25.56 3.46
CA SER A 274 -11.53 24.43 2.55
C SER A 274 -12.63 24.75 1.56
N GLY A 275 -13.60 25.59 1.95
CA GLY A 275 -14.67 25.98 1.05
C GLY A 275 -15.48 24.81 0.50
N VAL A 276 -15.18 23.59 0.93
CA VAL A 276 -15.92 22.40 0.54
C VAL A 276 -16.37 21.71 1.83
N GLN A 277 -17.67 21.50 1.96
CA GLN A 277 -18.25 21.03 3.22
C GLN A 277 -18.36 19.51 3.18
N LEU A 278 -17.88 18.88 4.24
CA LEU A 278 -17.79 17.43 4.32
C LEU A 278 -18.89 16.88 5.23
N SER A 279 -19.62 15.89 4.72
CA SER A 279 -20.54 15.11 5.55
C SER A 279 -19.80 14.47 6.73
N ASP A 280 -20.52 14.23 7.83
CA ASP A 280 -19.88 13.50 8.93
C ASP A 280 -19.32 12.16 8.46
N THR A 281 -20.00 11.50 7.52
CA THR A 281 -19.55 10.22 7.04
C THR A 281 -18.46 10.34 6.00
N ASP A 282 -18.46 11.43 5.20
CA ASP A 282 -17.39 11.64 4.24
C ASP A 282 -16.06 11.81 4.94
N LEU A 283 -16.08 12.44 6.12
CA LEU A 283 -14.86 12.68 6.89
C LEU A 283 -14.44 11.42 7.63
N ARG A 284 -15.40 10.73 8.21
CA ARG A 284 -15.09 9.47 8.83
C ARG A 284 -14.42 8.54 7.81
N ALA A 285 -14.87 8.62 6.55
CA ALA A 285 -14.35 7.72 5.53
C ALA A 285 -12.93 8.12 5.12
N GLU A 286 -12.66 9.41 4.95
CA GLU A 286 -11.29 9.80 4.65
C GLU A 286 -10.35 9.47 5.80
N VAL A 287 -10.84 9.49 7.04
CA VAL A 287 -9.99 9.13 8.17
C VAL A 287 -9.75 7.61 8.19
N ASP A 288 -10.82 6.84 8.09
CA ASP A 288 -10.69 5.40 7.90
C ASP A 288 -9.70 5.11 6.78
N THR A 289 -9.91 5.76 5.65
CA THR A 289 -9.09 5.49 4.49
C THR A 289 -7.63 5.77 4.80
N PHE A 290 -7.32 6.97 5.29
CA PHE A 290 -5.93 7.33 5.46
C PHE A 290 -5.28 6.68 6.66
N MET A 291 -6.08 6.07 7.51
CA MET A 291 -5.55 5.35 8.65
C MET A 291 -5.13 3.92 8.26
N PHE A 292 -5.92 3.18 7.41
CA PHE A 292 -5.38 2.01 6.66
C PHE A 292 -4.12 2.41 5.84
N GLU A 293 -4.23 3.51 4.99
CA GLU A 293 -3.25 3.69 3.88
C GLU A 293 -1.90 4.26 4.37
N GLY A 294 -1.90 5.33 5.28
CA GLY A 294 -0.63 6.01 5.61
C GLY A 294 0.32 5.27 6.58
N HIS A 295 -0.09 3.99 6.88
CA HIS A 295 0.68 2.99 7.68
C HIS A 295 0.76 1.46 7.33
N ASP A 296 -0.28 0.79 6.84
CA ASP A 296 -0.14 -0.64 6.52
C ASP A 296 0.91 -0.87 5.42
N THR A 297 1.00 0.05 4.47
CA THR A 297 1.87 -0.11 3.33
C THR A 297 3.32 0.16 3.71
N THR A 298 3.56 1.20 4.49
CA THR A 298 4.94 1.45 4.86
C THR A 298 5.47 0.39 5.81
N THR A 299 4.59 -0.31 6.54
CA THR A 299 5.06 -1.43 7.35
C THR A 299 5.58 -2.55 6.45
N SER A 300 4.80 -2.92 5.43
CA SER A 300 5.28 -3.85 4.44
C SER A 300 6.63 -3.39 3.89
N GLY A 301 6.75 -2.12 3.54
CA GLY A 301 7.93 -1.67 2.83
C GLY A 301 9.17 -1.70 3.68
N ILE A 302 9.08 -1.12 4.87
CA ILE A 302 10.21 -1.12 5.79
C ILE A 302 10.69 -2.54 6.06
N SER A 303 9.75 -3.49 6.20
CA SER A 303 10.06 -4.81 6.71
C SER A 303 10.70 -5.66 5.62
N TRP A 304 10.21 -5.50 4.41
CA TRP A 304 10.76 -6.21 3.28
C TRP A 304 12.13 -5.66 2.95
N PHE A 305 12.32 -4.38 3.19
CA PHE A 305 13.61 -3.75 2.99
C PHE A 305 14.64 -4.32 3.98
N LEU A 306 14.35 -4.25 5.28
CA LEU A 306 15.30 -4.77 6.25
C LEU A 306 15.62 -6.24 5.95
N TYR A 307 14.64 -7.00 5.44
CA TYR A 307 14.95 -8.34 4.98
C TYR A 307 15.96 -8.30 3.84
N CYS A 308 15.72 -7.45 2.83
CA CYS A 308 16.64 -7.31 1.70
C CYS A 308 18.03 -6.90 2.15
N MET A 309 18.11 -6.00 3.15
CA MET A 309 19.42 -5.69 3.74
C MET A 309 20.05 -6.93 4.34
N ALA A 310 19.27 -7.74 5.04
CA ALA A 310 19.83 -8.93 5.66
C ALA A 310 20.32 -9.92 4.61
N LEU A 311 19.55 -10.14 3.56
CA LEU A 311 19.93 -11.04 2.48
C LEU A 311 21.21 -10.58 1.78
N TYR A 312 21.54 -9.29 1.80
CA TYR A 312 22.62 -8.74 1.00
C TYR A 312 23.49 -7.83 1.86
N PRO A 313 24.29 -8.41 2.75
CA PRO A 313 25.19 -7.63 3.62
C PRO A 313 26.09 -6.68 2.88
N GLU A 314 26.49 -7.00 1.65
CA GLU A 314 27.28 -6.05 0.87
C GLU A 314 26.55 -4.72 0.74
N HIS A 315 25.32 -4.75 0.22
CA HIS A 315 24.53 -3.53 0.06
C HIS A 315 24.13 -2.95 1.42
N GLN A 316 23.80 -3.81 2.39
CA GLN A 316 23.55 -3.31 3.74
C GLN A 316 24.69 -2.45 4.23
N GLN A 317 25.92 -2.97 4.17
CA GLN A 317 27.06 -2.18 4.65
C GLN A 317 27.26 -0.90 3.84
N ARG A 318 27.07 -0.95 2.51
CA ARG A 318 27.17 0.27 1.72
C ARG A 318 26.17 1.34 2.23
N CYS A 319 24.92 0.93 2.50
CA CYS A 319 23.90 1.85 3.01
C CYS A 319 24.25 2.34 4.40
N ARG A 320 24.74 1.45 5.27
CA ARG A 320 25.19 1.87 6.59
C ARG A 320 26.25 2.95 6.51
N GLU A 321 27.24 2.79 5.63
CA GLU A 321 28.29 3.80 5.49
C GLU A 321 27.75 5.10 4.93
N GLU A 322 26.89 5.04 3.91
CA GLU A 322 26.34 6.29 3.37
C GLU A 322 25.64 7.09 4.44
N VAL A 323 24.77 6.44 5.23
CA VAL A 323 23.99 7.21 6.20
C VAL A 323 24.87 7.65 7.37
N ARG A 324 25.88 6.85 7.72
CA ARG A 324 26.80 7.26 8.78
C ARG A 324 27.43 8.60 8.47
N GLU A 325 27.95 8.76 7.24
CA GLU A 325 28.62 10.03 6.92
C GLU A 325 27.64 11.19 6.98
N ILE A 326 26.46 11.02 6.40
CA ILE A 326 25.46 12.09 6.38
C ILE A 326 25.11 12.57 7.80
N LEU A 327 24.92 11.63 8.73
CA LEU A 327 24.55 12.08 10.06
C LEU A 327 25.70 12.84 10.70
N GLY A 328 26.92 12.34 10.53
CA GLY A 328 28.05 12.90 11.26
C GLY A 328 27.74 13.02 12.73
N ASP A 329 27.94 14.23 13.26
CA ASP A 329 27.78 14.47 14.68
C ASP A 329 26.40 15.02 15.04
N GLN A 330 25.51 15.17 14.06
CA GLN A 330 24.18 15.68 14.35
C GLN A 330 23.48 14.79 15.37
N ASP A 331 22.54 15.39 16.11
CA ASP A 331 21.66 14.62 16.98
C ASP A 331 20.82 13.66 16.15
N SER A 332 20.18 14.19 15.11
CA SER A 332 19.25 13.44 14.29
C SER A 332 19.24 14.00 12.88
N PHE A 333 18.87 13.15 11.93
CA PHE A 333 18.75 13.57 10.54
C PHE A 333 17.80 14.73 10.40
N GLN A 334 18.15 15.63 9.49
CA GLN A 334 17.31 16.76 9.10
C GLN A 334 16.63 16.44 7.77
N TRP A 335 15.49 17.08 7.53
CA TRP A 335 14.79 16.86 6.26
C TRP A 335 15.75 16.98 5.07
N GLU A 336 16.57 18.03 5.07
CA GLU A 336 17.53 18.28 3.99
C GLU A 336 18.47 17.08 3.77
N ASP A 337 18.68 16.22 4.78
CA ASP A 337 19.63 15.12 4.65
C ASP A 337 19.07 13.95 3.82
N LEU A 338 17.75 13.84 3.64
CA LEU A 338 17.19 12.67 2.99
C LEU A 338 17.58 12.59 1.53
N ALA A 339 17.78 13.73 0.87
CA ALA A 339 18.15 13.75 -0.54
C ALA A 339 19.56 13.21 -0.77
N LYS A 340 20.43 13.31 0.23
CA LYS A 340 21.78 12.78 0.11
C LYS A 340 21.83 11.25 0.12
N MET A 341 20.74 10.59 0.48
CA MET A 341 20.78 9.13 0.68
C MET A 341 20.54 8.39 -0.63
N THR A 342 21.42 8.64 -1.59
CA THR A 342 21.14 8.20 -2.95
C THR A 342 21.27 6.70 -3.10
N TYR A 343 22.19 6.07 -2.34
CA TYR A 343 22.38 4.63 -2.46
C TYR A 343 21.33 3.88 -1.65
N LEU A 344 21.01 4.40 -0.47
CA LEU A 344 19.86 3.89 0.28
C LEU A 344 18.60 3.95 -0.57
N THR A 345 18.40 5.05 -1.28
CA THR A 345 17.22 5.15 -2.14
C THR A 345 17.25 4.10 -3.24
N MET A 346 18.42 3.86 -3.85
CA MET A 346 18.51 2.85 -4.91
C MET A 346 18.11 1.48 -4.38
N CYS A 347 18.67 1.11 -3.23
CA CYS A 347 18.38 -0.20 -2.66
C CYS A 347 16.90 -0.29 -2.32
N MET A 348 16.33 0.83 -1.86
CA MET A 348 14.92 0.84 -1.51
C MET A 348 14.05 0.63 -2.74
N LYS A 349 14.43 1.26 -3.85
CA LYS A 349 13.71 1.04 -5.10
C LYS A 349 13.80 -0.41 -5.58
N GLU A 350 14.98 -1.03 -5.46
CA GLU A 350 15.10 -2.40 -5.92
C GLU A 350 14.32 -3.33 -5.00
N CYS A 351 14.26 -3.00 -3.71
CA CYS A 351 13.38 -3.72 -2.79
C CYS A 351 11.93 -3.66 -3.27
N PHE A 352 11.45 -2.47 -3.59
CA PHE A 352 10.07 -2.33 -4.05
C PHE A 352 9.84 -2.96 -5.41
N ARG A 353 10.87 -3.12 -6.25
CA ARG A 353 10.66 -3.89 -7.48
C ARG A 353 10.29 -5.34 -7.17
N LEU A 354 11.10 -5.99 -6.32
CA LEU A 354 10.93 -7.42 -6.07
C LEU A 354 9.85 -7.69 -5.03
N TYR A 355 9.63 -6.74 -4.12
CA TYR A 355 8.69 -6.89 -3.01
C TYR A 355 7.78 -5.66 -2.99
N PRO A 356 6.97 -5.48 -4.03
CA PRO A 356 6.12 -4.30 -4.09
C PRO A 356 5.11 -4.28 -2.96
N PRO A 357 5.09 -3.25 -2.13
CA PRO A 357 4.15 -3.27 -1.01
C PRO A 357 2.71 -3.47 -1.41
N VAL A 358 2.26 -2.91 -2.53
CA VAL A 358 0.96 -3.22 -3.12
C VAL A 358 1.22 -4.02 -4.39
N PRO A 359 0.97 -5.33 -4.41
CA PRO A 359 1.22 -6.10 -5.62
C PRO A 359 0.11 -6.09 -6.63
N GLN A 360 -1.10 -5.66 -6.30
CA GLN A 360 -2.16 -5.74 -7.29
C GLN A 360 -3.26 -4.70 -7.07
N VAL A 361 -3.55 -3.91 -8.10
CA VAL A 361 -4.65 -2.96 -8.07
C VAL A 361 -5.53 -3.16 -9.31
N TYR A 362 -6.69 -2.51 -9.31
CA TYR A 362 -7.66 -2.79 -10.36
C TYR A 362 -8.44 -1.55 -10.84
N ARG A 363 -8.93 -1.64 -12.07
CA ARG A 363 -9.80 -0.61 -12.65
C ARG A 363 -10.89 -1.25 -13.50
N GLN A 364 -12.00 -0.51 -13.68
CA GLN A 364 -13.09 -0.81 -14.63
C GLN A 364 -13.21 0.32 -15.66
N LEU A 365 -12.92 0.02 -16.91
CA LEU A 365 -12.80 1.08 -17.91
C LEU A 365 -14.14 1.79 -18.13
N SER A 366 -14.06 3.10 -18.25
CA SER A 366 -15.19 3.92 -18.61
C SER A 366 -15.23 4.27 -20.09
N LYS A 367 -14.11 4.07 -20.80
CA LYS A 367 -13.97 4.32 -22.23
C LYS A 367 -13.08 3.23 -22.82
N PRO A 368 -13.19 2.97 -24.12
CA PRO A 368 -12.30 1.99 -24.74
C PRO A 368 -10.85 2.43 -24.68
N VAL A 369 -9.95 1.47 -24.90
CA VAL A 369 -8.51 1.70 -24.88
C VAL A 369 -7.88 0.82 -25.95
N SER A 370 -6.88 1.37 -26.64
CA SER A 370 -6.12 0.65 -27.66
C SER A 370 -4.69 0.51 -27.19
N PHE A 371 -4.17 -0.69 -27.31
CA PHE A 371 -2.85 -1.03 -26.79
C PHE A 371 -1.83 -1.01 -27.92
N VAL A 372 -0.59 -0.78 -27.52
CA VAL A 372 0.56 -0.62 -28.39
C VAL A 372 0.70 -1.75 -29.42
N ASP A 373 0.08 -2.91 -29.18
CA ASP A 373 0.23 -4.06 -30.09
C ASP A 373 -0.99 -4.24 -30.98
N GLY A 374 -1.93 -3.30 -30.98
CA GLY A 374 -3.11 -3.36 -31.82
C GLY A 374 -4.36 -3.84 -31.10
N ARG A 375 -4.22 -4.71 -30.11
CA ARG A 375 -5.38 -5.19 -29.38
C ARG A 375 -6.02 -4.03 -28.62
N SER A 376 -7.18 -4.32 -28.03
CA SER A 376 -8.04 -3.26 -27.50
C SER A 376 -9.08 -3.89 -26.56
N LEU A 377 -9.72 -3.03 -25.78
CA LEU A 377 -10.83 -3.41 -24.92
C LEU A 377 -11.93 -2.35 -24.97
N PRO A 378 -13.19 -2.76 -24.77
CA PRO A 378 -14.28 -1.78 -24.66
C PRO A 378 -14.44 -1.26 -23.24
N ALA A 379 -15.17 -0.14 -23.14
CA ALA A 379 -15.68 0.30 -21.85
C ALA A 379 -16.43 -0.84 -21.17
N GLY A 380 -16.47 -0.81 -19.83
CA GLY A 380 -17.08 -1.83 -19.04
C GLY A 380 -16.19 -2.97 -18.65
N SER A 381 -15.06 -3.15 -19.34
CA SER A 381 -14.14 -4.27 -19.07
C SER A 381 -13.27 -4.00 -17.85
N LEU A 382 -12.83 -5.07 -17.20
CA LEU A 382 -12.11 -4.97 -15.93
C LEU A 382 -10.61 -5.14 -16.13
N ILE A 383 -9.82 -4.30 -15.45
CA ILE A 383 -8.36 -4.38 -15.52
C ILE A 383 -7.80 -4.80 -14.17
N SER A 384 -6.77 -5.65 -14.22
CA SER A 384 -5.97 -6.04 -13.08
C SER A 384 -4.53 -5.66 -13.37
N LEU A 385 -4.09 -4.54 -12.82
CA LEU A 385 -2.67 -4.18 -12.90
C LEU A 385 -1.88 -5.09 -11.96
N HIS A 386 -1.03 -5.93 -12.52
CA HIS A 386 -0.25 -6.86 -11.70
C HIS A 386 1.12 -6.24 -11.51
N ILE A 387 1.25 -5.38 -10.49
CA ILE A 387 2.52 -4.69 -10.25
C ILE A 387 3.62 -5.71 -9.98
N TYR A 388 3.28 -6.85 -9.41
CA TYR A 388 4.29 -7.84 -9.09
C TYR A 388 4.95 -8.36 -10.36
N ALA A 389 4.16 -8.81 -11.33
CA ALA A 389 4.75 -9.34 -12.55
C ALA A 389 5.30 -8.22 -13.44
N LEU A 390 4.68 -7.05 -13.45
CA LEU A 390 5.26 -5.92 -14.16
C LEU A 390 6.70 -5.66 -13.71
N HIS A 391 6.94 -5.68 -12.41
CA HIS A 391 8.27 -5.38 -11.92
C HIS A 391 9.25 -6.50 -12.18
N ARG A 392 8.75 -7.66 -12.63
CA ARG A 392 9.60 -8.80 -12.92
C ARG A 392 9.64 -9.14 -14.41
N ASN A 393 9.15 -8.23 -15.27
CA ASN A 393 9.01 -8.55 -16.69
C ASN A 393 10.36 -8.75 -17.37
N SER A 394 10.49 -9.87 -18.07
CA SER A 394 11.76 -10.23 -18.64
C SER A 394 12.13 -9.36 -19.86
N ASP A 395 11.15 -8.83 -20.60
CA ASP A 395 11.46 -7.90 -21.69
C ASP A 395 11.88 -6.50 -21.20
N VAL A 396 11.82 -6.23 -19.90
CA VAL A 396 12.11 -4.89 -19.38
C VAL A 396 13.29 -4.90 -18.40
N TRP A 397 13.49 -6.05 -17.74
CA TRP A 397 14.40 -6.11 -16.60
C TRP A 397 15.38 -7.24 -16.83
N PRO A 398 16.60 -6.95 -17.29
CA PRO A 398 17.59 -8.03 -17.42
C PRO A 398 17.78 -8.75 -16.09
N ASP A 399 17.76 -10.09 -16.13
CA ASP A 399 17.96 -10.92 -14.94
C ASP A 399 16.95 -10.52 -13.87
N PRO A 400 15.65 -10.72 -14.12
CA PRO A 400 14.62 -10.05 -13.30
C PRO A 400 14.68 -10.38 -11.82
N GLU A 401 15.02 -11.64 -11.45
CA GLU A 401 15.04 -12.04 -10.05
C GLU A 401 16.29 -11.58 -9.29
N VAL A 402 17.22 -10.86 -9.92
CA VAL A 402 18.48 -10.49 -9.29
C VAL A 402 18.35 -9.14 -8.59
N PHE A 403 18.77 -9.08 -7.35
CA PHE A 403 18.80 -7.82 -6.59
C PHE A 403 20.02 -7.02 -7.04
N ASP A 404 19.76 -5.91 -7.73
CA ASP A 404 20.81 -5.05 -8.27
C ASP A 404 20.38 -3.59 -8.10
N PRO A 405 20.82 -2.94 -7.02
CA PRO A 405 20.46 -1.52 -6.82
C PRO A 405 20.89 -0.63 -7.94
N LEU A 406 21.90 -1.04 -8.72
CA LEU A 406 22.42 -0.14 -9.74
C LEU A 406 21.45 0.02 -10.90
N ARG A 407 20.39 -0.78 -10.97
CA ARG A 407 19.37 -0.51 -11.96
C ARG A 407 18.77 0.88 -11.78
N PHE A 408 18.94 1.49 -10.60
CA PHE A 408 18.36 2.79 -10.29
C PHE A 408 19.42 3.86 -10.09
N SER A 409 20.64 3.62 -10.59
CA SER A 409 21.60 4.69 -10.78
C SER A 409 21.07 5.72 -11.79
N PRO A 410 21.59 6.94 -11.75
CA PRO A 410 21.16 7.94 -12.74
C PRO A 410 21.38 7.50 -14.17
N GLU A 411 22.50 6.83 -14.43
CA GLU A 411 22.79 6.33 -15.77
C GLU A 411 21.74 5.33 -16.23
N ASN A 412 21.63 4.17 -15.59
CA ASN A 412 20.71 3.12 -16.03
C ASN A 412 19.22 3.51 -15.89
N SER A 413 18.91 4.67 -15.33
CA SER A 413 17.52 5.12 -15.23
C SER A 413 17.10 6.05 -16.34
N SER A 414 18.04 6.75 -17.01
CA SER A 414 17.64 7.75 -18.00
C SER A 414 16.75 7.15 -19.08
N GLY A 415 17.17 6.01 -19.65
CA GLY A 415 16.40 5.51 -20.76
C GLY A 415 15.05 4.95 -20.38
N ARG A 416 14.85 4.64 -19.11
CA ARG A 416 13.83 3.67 -18.75
C ARG A 416 12.44 4.19 -19.04
N HIS A 417 11.53 3.26 -19.37
CA HIS A 417 10.12 3.59 -19.65
C HIS A 417 9.46 4.11 -18.37
N PRO A 418 8.69 5.21 -18.43
CA PRO A 418 8.13 5.80 -17.19
C PRO A 418 7.07 4.97 -16.46
N TYR A 419 6.53 3.90 -17.07
CA TYR A 419 5.57 3.04 -16.40
C TYR A 419 6.13 1.64 -16.13
N ALA A 420 7.46 1.50 -16.13
CA ALA A 420 8.09 0.21 -15.87
C ALA A 420 8.20 -0.06 -14.39
N PHE A 421 8.31 1.01 -13.61
CA PHE A 421 8.55 0.93 -12.18
C PHE A 421 7.54 1.86 -11.49
N ILE A 422 6.42 1.29 -11.06
CA ILE A 422 5.31 2.08 -10.53
C ILE A 422 4.77 1.47 -9.24
N PRO A 423 5.60 1.32 -8.21
CA PRO A 423 5.12 0.82 -6.91
C PRO A 423 4.16 1.75 -6.20
N PHE A 424 4.23 3.04 -6.49
CA PHE A 424 3.24 4.02 -6.08
C PHE A 424 2.25 4.33 -7.20
N SER A 425 2.05 3.39 -8.11
CA SER A 425 1.20 3.61 -9.26
C SER A 425 1.68 4.84 -10.03
N ALA A 426 0.80 5.46 -10.80
CA ALA A 426 1.13 6.59 -11.63
C ALA A 426 -0.16 7.13 -12.24
N GLY A 427 -0.10 8.35 -12.78
CA GLY A 427 -1.28 8.97 -13.33
C GLY A 427 -2.09 9.77 -12.33
N PRO A 428 -3.35 10.10 -12.65
CA PRO A 428 -4.16 10.84 -11.68
C PRO A 428 -4.48 10.09 -10.40
N ARG A 429 -4.41 8.76 -10.37
CA ARG A 429 -4.71 8.02 -9.15
C ARG A 429 -3.45 7.44 -8.55
N ASN A 430 -2.35 8.18 -8.60
CA ASN A 430 -1.12 7.75 -7.96
C ASN A 430 -1.24 7.88 -6.45
N CYS A 431 -0.16 7.58 -5.74
CA CYS A 431 -0.17 7.62 -4.28
C CYS A 431 0.01 9.04 -3.81
N ILE A 432 -1.01 9.56 -3.13
CA ILE A 432 -0.91 10.88 -2.52
C ILE A 432 0.17 10.94 -1.41
N GLY A 433 0.52 9.81 -0.81
CA GLY A 433 1.43 9.77 0.32
C GLY A 433 2.87 9.40 -0.02
N GLN A 434 3.19 9.28 -1.30
CA GLN A 434 4.50 8.78 -1.70
C GLN A 434 5.64 9.50 -0.99
N GLN A 435 5.68 10.82 -1.04
CA GLN A 435 6.81 11.48 -0.39
C GLN A 435 6.75 11.34 1.13
N PHE A 436 5.55 11.26 1.73
CA PHE A 436 5.45 10.88 3.13
C PHE A 436 6.11 9.53 3.39
N ALA A 437 5.69 8.50 2.66
CA ALA A 437 6.27 7.17 2.83
C ALA A 437 7.78 7.17 2.66
N MET A 438 8.27 7.68 1.52
CA MET A 438 9.71 7.65 1.23
C MET A 438 10.53 8.29 2.34
N ASN A 439 10.08 9.44 2.86
CA ASN A 439 10.81 10.12 3.93
C ASN A 439 10.75 9.31 5.22
N GLU A 440 9.57 8.78 5.57
CA GLU A 440 9.45 7.90 6.73
C GLU A 440 10.39 6.72 6.60
N MET A 441 10.27 5.97 5.49
CA MET A 441 11.02 4.73 5.36
C MET A 441 12.51 4.99 5.37
N LYS A 442 12.95 6.13 4.82
CA LYS A 442 14.38 6.46 4.79
C LYS A 442 14.91 6.77 6.18
N VAL A 443 14.14 7.49 7.00
CA VAL A 443 14.58 7.82 8.35
C VAL A 443 14.62 6.55 9.21
N VAL A 444 13.56 5.74 9.12
CA VAL A 444 13.47 4.54 9.93
C VAL A 444 14.63 3.60 9.60
N THR A 445 14.81 3.28 8.31
CA THR A 445 15.80 2.29 7.94
C THR A 445 17.21 2.83 8.12
N ALA A 446 17.41 4.13 7.92
CA ALA A 446 18.73 4.70 8.20
C ALA A 446 19.12 4.49 9.66
N LEU A 447 18.22 4.85 10.59
CA LEU A 447 18.46 4.63 12.02
C LEU A 447 18.58 3.15 12.39
N CYS A 448 17.82 2.28 11.71
CA CYS A 448 17.93 0.86 11.99
C CYS A 448 19.32 0.33 11.67
N LEU A 449 19.90 0.76 10.54
CA LEU A 449 21.18 0.21 10.12
C LEU A 449 22.33 0.76 10.95
N LEU A 450 22.18 1.98 11.49
CA LEU A 450 23.21 2.53 12.36
C LEU A 450 23.29 1.82 13.70
N ARG A 451 22.16 1.27 14.15
CA ARG A 451 22.08 0.60 15.44
C ARG A 451 22.03 -0.94 15.43
N PHE A 452 21.91 -1.55 14.24
CA PHE A 452 21.90 -3.02 14.18
C PHE A 452 22.43 -3.47 12.83
N GLU A 453 22.92 -4.70 12.82
CA GLU A 453 23.32 -5.41 11.63
C GLU A 453 22.37 -6.57 11.53
N PHE A 454 21.85 -6.80 10.33
CA PHE A 454 20.64 -7.61 10.17
C PHE A 454 20.98 -8.83 9.35
N SER A 455 20.67 -9.98 9.90
CA SER A 455 20.96 -11.26 9.28
C SER A 455 19.63 -11.93 9.07
N VAL A 456 19.53 -12.78 8.07
CA VAL A 456 18.28 -13.50 7.91
C VAL A 456 18.36 -14.70 8.84
N ASP A 457 17.25 -15.45 8.94
CA ASP A 457 17.18 -16.70 9.68
C ASP A 457 16.97 -17.86 8.71
N PRO A 458 18.01 -18.66 8.43
CA PRO A 458 17.87 -19.70 7.40
C PRO A 458 16.77 -20.70 7.68
N LEU A 459 16.29 -20.82 8.92
CA LEU A 459 15.22 -21.75 9.25
C LEU A 459 13.82 -21.18 9.10
N ARG A 460 13.69 -19.87 8.84
CA ARG A 460 12.38 -19.19 8.75
C ARG A 460 12.47 -18.09 7.70
N LEU A 461 12.71 -18.47 6.49
CA LEU A 461 12.76 -17.42 5.50
C LEU A 461 11.35 -16.98 5.17
N PRO A 462 11.14 -15.69 4.92
CA PRO A 462 9.79 -15.24 4.63
C PRO A 462 9.21 -15.91 3.40
N ILE A 463 7.89 -16.08 3.42
CA ILE A 463 7.10 -16.55 2.30
C ILE A 463 6.08 -15.48 1.96
N LYS A 464 5.95 -15.17 0.68
CA LYS A 464 5.10 -14.06 0.27
C LYS A 464 3.64 -14.41 0.49
N LEU A 465 2.89 -13.44 1.03
CA LEU A 465 1.46 -13.59 1.27
C LEU A 465 0.73 -12.32 0.94
N PRO A 466 -0.05 -12.25 -0.15
CA PRO A 466 -0.87 -11.05 -0.38
C PRO A 466 -1.97 -10.90 0.67
N GLN A 467 -2.06 -9.68 1.20
CA GLN A 467 -3.09 -9.22 2.14
C GLN A 467 -3.31 -7.74 1.86
N LEU A 468 -3.67 -7.45 0.59
CA LEU A 468 -3.78 -6.10 0.05
C LEU A 468 -2.41 -5.45 -0.04
N VAL A 469 -1.71 -5.34 1.08
CA VAL A 469 -0.29 -5.07 1.04
C VAL A 469 0.40 -6.41 0.97
N LEU A 470 1.71 -6.40 0.70
CA LEU A 470 2.48 -7.64 0.63
C LEU A 470 3.01 -7.98 2.01
N ARG A 471 2.47 -9.04 2.60
CA ARG A 471 2.87 -9.55 3.91
C ARG A 471 3.61 -10.87 3.74
N SER A 472 3.90 -11.54 4.87
CA SER A 472 4.51 -12.87 4.87
C SER A 472 3.69 -13.86 5.68
N LYS A 473 3.60 -15.11 5.20
CA LYS A 473 2.84 -16.15 5.91
C LYS A 473 3.32 -16.35 7.33
N ASN A 474 4.61 -16.12 7.56
CA ASN A 474 5.34 -16.45 8.78
C ASN A 474 6.10 -15.25 9.29
N GLY A 475 5.77 -14.03 8.87
CA GLY A 475 6.48 -12.87 9.37
C GLY A 475 7.80 -12.65 8.66
N ILE A 476 8.55 -11.70 9.19
CA ILE A 476 9.90 -11.40 8.74
C ILE A 476 10.78 -11.64 9.96
N HIS A 477 11.34 -12.86 10.09
CA HIS A 477 12.24 -13.19 11.19
C HIS A 477 13.69 -12.86 10.82
N LEU A 478 14.33 -12.06 11.70
CA LEU A 478 15.71 -11.61 11.53
C LEU A 478 16.48 -11.73 12.85
N TYR A 479 17.80 -11.87 12.74
CA TYR A 479 18.71 -11.78 13.88
C TYR A 479 19.32 -10.39 13.88
N LEU A 480 19.47 -9.82 15.06
CA LEU A 480 20.00 -8.48 15.21
C LEU A 480 21.24 -8.47 16.08
N LYS A 481 22.28 -7.77 15.60
CA LYS A 481 23.52 -7.50 16.33
C LYS A 481 23.59 -6.02 16.69
N PRO A 482 23.58 -5.64 17.96
CA PRO A 482 23.78 -4.22 18.31
C PRO A 482 25.16 -3.74 17.89
N LEU A 483 25.35 -2.41 17.89
CA LEU A 483 26.62 -1.84 17.44
C LEU A 483 27.12 -0.75 18.34
#